data_1FMC
#
_entry.id   1FMC
#
_cell.length_a   81.650
_cell.length_b   81.650
_cell.length_c   214.600
_cell.angle_alpha   90.00
_cell.angle_beta   90.00
_cell.angle_gamma   90.00
#
_symmetry.space_group_name_H-M   'P 41 21 2'
#
loop_
_entity.id
_entity.type
_entity.pdbx_description
1 polymer '7 ALPHA-HYDROXYSTEROID DEHYDROGENASE'
2 non-polymer 'GLYCOCHENODEOXYCHOLIC ACID'
3 non-polymer '1,4-DIHYDRONICOTINAMIDE ADENINE DINUCLEOTIDE'
4 water water
#
_entity_poly.entity_id   1
_entity_poly.type   'polypeptide(L)'
_entity_poly.pdbx_seq_one_letter_code
;MFNSDNLRLDGKCAIITGAGAGIGKEIAITFATAGASVVVSDINADAANHVVDEIQQLGGQAFACRCDITSEQELSALAD
FAISKLGKVDILVNNAGGGGPKPFDMPMADFRRAYELNVFSFFHLSQLVAPEMEKNGGGVILTITSMAAENKNINMTSYA
SSKAAASHLVRNMAFDLGEKNIRVNGIAPGAILTDALKSVITPEIEQKMLQHTPIRRLGQPQDIANAALFLCSPAASWVS
GQILTVSGGGVQELN
;
_entity_poly.pdbx_strand_id   A,B
#
# COMPACT_ATOMS: atom_id res chain seq x y z
N MET A 1 13.46 -2.30 36.58
CA MET A 1 14.23 -3.50 37.01
C MET A 1 13.80 -4.65 36.12
N PHE A 2 14.70 -5.59 35.90
CA PHE A 2 14.45 -6.74 35.05
C PHE A 2 13.44 -7.72 35.67
N ASN A 3 12.54 -8.24 34.82
CA ASN A 3 11.54 -9.21 35.24
C ASN A 3 11.34 -10.19 34.10
N SER A 4 11.89 -11.37 34.28
CA SER A 4 11.82 -12.41 33.29
C SER A 4 10.40 -12.74 32.85
N ASP A 5 9.45 -12.60 33.76
CA ASP A 5 8.07 -12.91 33.43
C ASP A 5 7.41 -11.93 32.48
N ASN A 6 7.98 -10.74 32.35
CA ASN A 6 7.44 -9.72 31.46
C ASN A 6 7.80 -10.00 30.00
N LEU A 7 8.69 -10.97 29.80
CA LEU A 7 9.12 -11.35 28.47
C LEU A 7 8.47 -12.66 28.05
N ARG A 8 7.54 -13.15 28.86
CA ARG A 8 6.85 -14.40 28.56
C ARG A 8 5.37 -14.17 28.25
N LEU A 9 4.74 -15.20 27.72
CA LEU A 9 3.33 -15.14 27.31
C LEU A 9 2.47 -16.08 28.12
N ASP A 10 2.85 -16.29 29.38
CA ASP A 10 2.09 -17.18 30.24
C ASP A 10 0.59 -16.83 30.31
N GLY A 11 -0.25 -17.80 29.98
CA GLY A 11 -1.68 -17.60 30.03
C GLY A 11 -2.30 -16.84 28.87
N LYS A 12 -1.51 -16.57 27.83
CA LYS A 12 -1.96 -15.85 26.64
C LYS A 12 -2.32 -16.87 25.54
N CYS A 13 -3.34 -16.53 24.75
CA CYS A 13 -3.80 -17.39 23.65
C CYS A 13 -3.55 -16.66 22.34
N ALA A 14 -2.85 -17.32 21.42
CA ALA A 14 -2.50 -16.72 20.14
C ALA A 14 -2.92 -17.53 18.91
N ILE A 15 -3.27 -16.81 17.85
CA ILE A 15 -3.63 -17.43 16.57
C ILE A 15 -2.45 -17.07 15.66
N ILE A 16 -1.89 -18.05 14.99
CA ILE A 16 -0.77 -17.81 14.08
C ILE A 16 -1.08 -18.43 12.72
N THR A 17 -1.15 -17.58 11.69
CA THR A 17 -1.44 -18.02 10.34
C THR A 17 -0.16 -18.39 9.62
N GLY A 18 -0.25 -19.32 8.68
CA GLY A 18 0.93 -19.78 7.95
C GLY A 18 2.00 -20.36 8.88
N ALA A 19 1.55 -20.99 9.95
CA ALA A 19 2.44 -21.56 10.97
C ALA A 19 2.95 -22.96 10.67
N GLY A 20 2.60 -23.51 9.51
CA GLY A 20 3.04 -24.84 9.14
C GLY A 20 4.52 -24.96 8.80
N ALA A 21 5.16 -23.83 8.54
CA ALA A 21 6.58 -23.82 8.19
C ALA A 21 7.23 -22.45 8.27
N GLY A 22 8.55 -22.45 8.08
CA GLY A 22 9.35 -21.25 8.09
C GLY A 22 9.14 -20.36 9.28
N ILE A 23 9.11 -19.05 9.04
CA ILE A 23 8.91 -18.05 10.07
C ILE A 23 7.67 -18.33 10.94
N GLY A 24 6.55 -18.69 10.30
CA GLY A 24 5.33 -18.95 11.05
C GLY A 24 5.49 -20.07 12.07
N LYS A 25 6.15 -21.15 11.65
CA LYS A 25 6.38 -22.29 12.53
C LYS A 25 7.24 -21.90 13.75
N GLU A 26 8.34 -21.20 13.48
CA GLU A 26 9.24 -20.76 14.54
C GLU A 26 8.54 -19.87 15.54
N ILE A 27 7.67 -18.99 15.06
CA ILE A 27 6.93 -18.12 15.94
C ILE A 27 5.99 -18.96 16.81
N ALA A 28 5.34 -19.95 16.22
CA ALA A 28 4.43 -20.81 16.95
C ALA A 28 5.13 -21.57 18.08
N ILE A 29 6.28 -22.16 17.78
CA ILE A 29 7.05 -22.91 18.76
C ILE A 29 7.61 -21.99 19.83
N THR A 30 8.18 -20.86 19.43
CA THR A 30 8.72 -19.91 20.39
C THR A 30 7.63 -19.39 21.33
N PHE A 31 6.44 -19.10 20.81
CA PHE A 31 5.34 -18.60 21.64
C PHE A 31 4.80 -19.66 22.62
N ALA A 32 4.65 -20.89 22.14
CA ALA A 32 4.16 -21.99 22.97
C ALA A 32 5.14 -22.22 24.11
N THR A 33 6.42 -22.26 23.79
CA THR A 33 7.45 -22.48 24.79
C THR A 33 7.72 -21.26 25.69
N ALA A 34 7.04 -20.15 25.45
CA ALA A 34 7.16 -18.95 26.28
C ALA A 34 5.88 -18.83 27.08
N GLY A 35 5.05 -19.87 26.99
CA GLY A 35 3.81 -19.91 27.76
C GLY A 35 2.45 -19.76 27.12
N ALA A 36 2.38 -19.47 25.82
CA ALA A 36 1.08 -19.29 25.19
C ALA A 36 0.46 -20.55 24.61
N SER A 37 -0.88 -20.60 24.62
CA SER A 37 -1.65 -21.69 24.01
C SER A 37 -1.73 -21.21 22.56
N VAL A 38 -1.42 -22.08 21.62
CA VAL A 38 -1.39 -21.67 20.23
C VAL A 38 -2.33 -22.38 19.26
N VAL A 39 -2.91 -21.62 18.34
CA VAL A 39 -3.72 -22.20 17.27
C VAL A 39 -2.84 -22.01 16.05
N VAL A 40 -2.42 -23.13 15.48
CA VAL A 40 -1.56 -23.19 14.32
C VAL A 40 -2.43 -23.34 13.05
N SER A 41 -2.53 -22.28 12.25
CA SER A 41 -3.30 -22.40 11.02
C SER A 41 -2.38 -22.39 9.82
N ASP A 42 -2.76 -23.14 8.79
CA ASP A 42 -1.98 -23.24 7.57
C ASP A 42 -2.90 -23.86 6.54
N ILE A 43 -2.60 -23.61 5.28
CA ILE A 43 -3.38 -24.16 4.19
C ILE A 43 -3.00 -25.64 4.03
N ASN A 44 -1.78 -25.96 4.42
CA ASN A 44 -1.26 -27.33 4.37
C ASN A 44 -1.51 -28.02 5.72
N ALA A 45 -2.58 -28.80 5.77
CA ALA A 45 -2.98 -29.52 6.98
C ALA A 45 -1.90 -30.39 7.61
N ASP A 46 -1.13 -31.10 6.79
CA ASP A 46 -0.10 -31.99 7.30
C ASP A 46 0.95 -31.23 8.05
N ALA A 47 1.31 -30.06 7.54
CA ALA A 47 2.31 -29.22 8.17
C ALA A 47 1.77 -28.68 9.49
N ALA A 48 0.51 -28.27 9.49
CA ALA A 48 -0.10 -27.73 10.71
C ALA A 48 -0.09 -28.79 11.82
N ASN A 49 -0.49 -30.02 11.48
CA ASN A 49 -0.52 -31.11 12.44
C ASN A 49 0.85 -31.44 13.00
N HIS A 50 1.84 -31.48 12.12
CA HIS A 50 3.21 -31.76 12.54
C HIS A 50 3.68 -30.74 13.58
N VAL A 51 3.49 -29.46 13.30
CA VAL A 51 3.90 -28.41 14.21
C VAL A 51 3.19 -28.62 15.54
N VAL A 52 1.90 -28.94 15.50
CA VAL A 52 1.16 -29.16 16.72
C VAL A 52 1.79 -30.29 17.56
N ASP A 53 2.26 -31.34 16.90
CA ASP A 53 2.89 -32.46 17.62
C ASP A 53 4.18 -31.99 18.25
N GLU A 54 5.01 -31.31 17.48
CA GLU A 54 6.28 -30.78 17.97
C GLU A 54 6.09 -29.94 19.23
N ILE A 55 5.01 -29.16 19.25
CA ILE A 55 4.72 -28.30 20.38
C ILE A 55 4.28 -29.11 21.59
N GLN A 56 3.35 -30.03 21.40
CA GLN A 56 2.88 -30.85 22.51
C GLN A 56 4.02 -31.63 23.15
N GLN A 57 4.93 -32.16 22.34
CA GLN A 57 6.07 -32.90 22.85
C GLN A 57 6.93 -31.99 23.72
N LEU A 58 7.01 -30.72 23.31
CA LEU A 58 7.77 -29.71 24.04
C LEU A 58 6.98 -29.34 25.30
N GLY A 59 5.83 -29.99 25.49
CA GLY A 59 4.98 -29.70 26.63
C GLY A 59 4.11 -28.48 26.43
N GLY A 60 3.81 -28.17 25.16
CA GLY A 60 3.00 -27.01 24.85
C GLY A 60 1.55 -27.35 24.58
N GLN A 61 0.73 -26.31 24.52
CA GLN A 61 -0.70 -26.43 24.28
C GLN A 61 -1.00 -25.86 22.88
N ALA A 62 -1.46 -26.70 21.95
CA ALA A 62 -1.73 -26.23 20.59
C ALA A 62 -2.82 -26.99 19.85
N PHE A 63 -3.41 -26.34 18.86
CA PHE A 63 -4.48 -26.92 18.03
C PHE A 63 -4.22 -26.54 16.57
N ALA A 64 -4.65 -27.38 15.64
CA ALA A 64 -4.45 -27.11 14.22
C ALA A 64 -5.71 -26.68 13.51
N CYS A 65 -5.55 -25.83 12.50
CA CYS A 65 -6.68 -25.35 11.73
C CYS A 65 -6.28 -25.16 10.27
N ARG A 66 -6.89 -25.94 9.38
CA ARG A 66 -6.60 -25.83 7.95
C ARG A 66 -7.38 -24.61 7.44
N CYS A 67 -6.73 -23.46 7.47
CA CYS A 67 -7.34 -22.22 7.02
C CYS A 67 -6.58 -21.61 5.87
N ASP A 68 -7.33 -21.16 4.87
CA ASP A 68 -6.74 -20.49 3.73
C ASP A 68 -7.09 -19.06 4.07
N ILE A 69 -6.07 -18.23 4.27
CA ILE A 69 -6.31 -16.84 4.61
C ILE A 69 -7.04 -16.04 3.51
N THR A 70 -6.91 -16.48 2.26
CA THR A 70 -7.56 -15.78 1.16
C THR A 70 -9.07 -16.05 1.02
N SER A 71 -9.67 -16.70 2.02
CA SER A 71 -11.11 -16.98 2.01
C SER A 71 -11.79 -16.32 3.20
N GLU A 72 -12.72 -15.41 2.94
CA GLU A 72 -13.43 -14.74 4.02
C GLU A 72 -14.11 -15.76 4.92
N GLN A 73 -14.64 -16.81 4.32
CA GLN A 73 -15.35 -17.85 5.04
C GLN A 73 -14.42 -18.65 5.95
N GLU A 74 -13.23 -18.98 5.47
CA GLU A 74 -12.29 -19.73 6.28
C GLU A 74 -11.66 -18.85 7.36
N LEU A 75 -11.66 -17.54 7.16
CA LEU A 75 -11.10 -16.65 8.16
C LEU A 75 -12.03 -16.56 9.37
N SER A 76 -13.33 -16.43 9.15
CA SER A 76 -14.22 -16.35 10.30
C SER A 76 -14.31 -17.72 10.97
N ALA A 77 -14.06 -18.77 10.20
CA ALA A 77 -14.08 -20.12 10.74
C ALA A 77 -12.90 -20.24 11.70
N LEU A 78 -11.75 -19.72 11.27
CA LEU A 78 -10.51 -19.74 12.06
C LEU A 78 -10.80 -19.00 13.33
N ALA A 79 -11.45 -17.86 13.21
CA ALA A 79 -11.78 -17.04 14.36
C ALA A 79 -12.67 -17.84 15.34
N ASP A 80 -13.72 -18.46 14.83
CA ASP A 80 -14.61 -19.23 15.67
C ASP A 80 -13.93 -20.41 16.35
N PHE A 81 -13.11 -21.13 15.59
CA PHE A 81 -12.39 -22.29 16.09
C PHE A 81 -11.44 -21.90 17.24
N ALA A 82 -10.70 -20.81 17.07
CA ALA A 82 -9.77 -20.36 18.08
C ALA A 82 -10.43 -19.96 19.40
N ILE A 83 -11.50 -19.17 19.33
CA ILE A 83 -12.18 -18.78 20.54
C ILE A 83 -12.82 -19.99 21.22
N SER A 84 -13.18 -21.01 20.47
CA SER A 84 -13.79 -22.20 21.06
C SER A 84 -12.74 -23.10 21.72
N LYS A 85 -11.62 -23.28 21.03
CA LYS A 85 -10.53 -24.10 21.54
C LYS A 85 -9.74 -23.40 22.65
N LEU A 86 -9.32 -22.16 22.39
CA LEU A 86 -8.53 -21.41 23.36
C LEU A 86 -9.34 -20.72 24.47
N GLY A 87 -10.58 -20.38 24.18
CA GLY A 87 -11.42 -19.71 25.16
C GLY A 87 -11.44 -18.21 24.96
N LYS A 88 -10.36 -17.67 24.42
CA LYS A 88 -10.24 -16.24 24.17
C LYS A 88 -9.08 -16.08 23.21
N VAL A 89 -8.87 -14.87 22.72
CA VAL A 89 -7.76 -14.60 21.82
C VAL A 89 -7.12 -13.34 22.34
N ASP A 90 -5.83 -13.40 22.60
CA ASP A 90 -5.13 -12.23 23.10
C ASP A 90 -4.14 -11.72 22.07
N ILE A 91 -3.66 -12.63 21.24
CA ILE A 91 -2.65 -12.30 20.26
C ILE A 91 -2.99 -12.87 18.88
N LEU A 92 -2.82 -12.05 17.86
CA LEU A 92 -3.02 -12.47 16.48
C LEU A 92 -1.73 -12.20 15.75
N VAL A 93 -1.10 -13.25 15.24
CA VAL A 93 0.12 -13.11 14.47
C VAL A 93 -0.23 -13.43 13.00
N ASN A 94 -0.37 -12.39 12.21
CA ASN A 94 -0.71 -12.51 10.79
C ASN A 94 0.61 -12.68 10.04
N ASN A 95 0.98 -13.93 9.83
CA ASN A 95 2.23 -14.28 9.18
C ASN A 95 2.10 -14.65 7.73
N ALA A 96 1.10 -15.46 7.40
CA ALA A 96 0.88 -15.91 6.01
C ALA A 96 0.74 -14.73 5.06
N GLY A 97 1.45 -14.83 3.95
CA GLY A 97 1.41 -13.78 2.94
C GLY A 97 2.25 -14.33 1.81
N GLY A 98 2.72 -13.45 0.92
CA GLY A 98 3.54 -13.91 -0.18
C GLY A 98 3.32 -13.14 -1.46
N GLY A 99 3.58 -13.78 -2.60
CA GLY A 99 3.43 -13.10 -3.87
C GLY A 99 4.72 -13.21 -4.66
N GLY A 100 5.77 -12.54 -4.20
CA GLY A 100 7.03 -12.61 -4.90
C GLY A 100 7.19 -11.72 -6.13
N PRO A 101 8.36 -11.82 -6.77
CA PRO A 101 8.74 -11.07 -7.97
C PRO A 101 7.81 -11.36 -9.12
N LYS A 102 7.48 -10.32 -9.89
CA LYS A 102 6.61 -10.47 -11.04
C LYS A 102 6.92 -9.38 -12.06
N PRO A 103 6.81 -9.71 -13.35
CA PRO A 103 7.09 -8.74 -14.43
C PRO A 103 5.97 -7.70 -14.51
N PHE A 104 6.31 -6.49 -14.95
CA PHE A 104 5.35 -5.40 -15.06
C PHE A 104 4.08 -5.75 -15.83
N ASP A 105 4.22 -6.59 -16.85
CA ASP A 105 3.08 -6.98 -17.66
C ASP A 105 2.38 -8.24 -17.21
N MET A 106 2.37 -8.50 -15.91
CA MET A 106 1.71 -9.69 -15.36
C MET A 106 0.19 -9.55 -15.47
N PRO A 107 -0.55 -10.68 -15.47
CA PRO A 107 -2.02 -10.61 -15.54
C PRO A 107 -2.49 -9.85 -14.30
N MET A 108 -3.60 -9.12 -14.42
CA MET A 108 -4.11 -8.39 -13.27
C MET A 108 -4.47 -9.36 -12.11
N ALA A 109 -4.74 -10.62 -12.44
CA ALA A 109 -5.07 -11.61 -11.42
C ALA A 109 -3.88 -11.75 -10.47
N ASP A 110 -2.68 -11.78 -11.03
CA ASP A 110 -1.45 -11.88 -10.26
C ASP A 110 -1.24 -10.68 -9.37
N PHE A 111 -1.49 -9.49 -9.91
CA PHE A 111 -1.31 -8.26 -9.14
C PHE A 111 -2.30 -8.26 -7.96
N ARG A 112 -3.54 -8.64 -8.24
CA ARG A 112 -4.57 -8.66 -7.21
C ARG A 112 -4.31 -9.74 -6.16
N ARG A 113 -3.71 -10.87 -6.55
CA ARG A 113 -3.41 -11.94 -5.62
C ARG A 113 -2.50 -11.48 -4.47
N ALA A 114 -1.49 -10.68 -4.78
CA ALA A 114 -0.58 -10.18 -3.76
C ALA A 114 -1.36 -9.41 -2.70
N TYR A 115 -2.40 -8.68 -3.11
CA TYR A 115 -3.21 -7.91 -2.19
C TYR A 115 -4.15 -8.78 -1.37
N GLU A 116 -4.57 -9.90 -1.95
CA GLU A 116 -5.44 -10.85 -1.23
C GLU A 116 -4.62 -11.43 -0.09
N LEU A 117 -3.38 -11.78 -0.43
CA LEU A 117 -2.44 -12.39 0.50
C LEU A 117 -1.84 -11.50 1.61
N ASN A 118 -1.43 -10.28 1.28
CA ASN A 118 -0.79 -9.39 2.24
C ASN A 118 -1.65 -8.30 2.85
N VAL A 119 -2.81 -8.04 2.26
CA VAL A 119 -3.63 -6.93 2.72
C VAL A 119 -5.03 -7.24 3.18
N PHE A 120 -5.88 -7.67 2.23
CA PHE A 120 -7.28 -7.95 2.52
C PHE A 120 -7.48 -9.00 3.61
N SER A 121 -6.67 -10.05 3.55
CA SER A 121 -6.73 -11.14 4.53
C SER A 121 -6.40 -10.58 5.93
N PHE A 122 -5.26 -9.88 5.99
CA PHE A 122 -4.77 -9.24 7.20
C PHE A 122 -5.86 -8.34 7.79
N PHE A 123 -6.36 -7.41 7.00
CA PHE A 123 -7.38 -6.50 7.48
C PHE A 123 -8.64 -7.18 7.97
N HIS A 124 -9.14 -8.13 7.18
CA HIS A 124 -10.35 -8.84 7.56
C HIS A 124 -10.19 -9.70 8.82
N LEU A 125 -9.06 -10.41 8.96
CA LEU A 125 -8.84 -11.23 10.15
C LEU A 125 -8.81 -10.31 11.38
N SER A 126 -8.19 -9.14 11.25
CA SER A 126 -8.14 -8.20 12.35
C SER A 126 -9.55 -7.75 12.76
N GLN A 127 -10.42 -7.52 11.79
CA GLN A 127 -11.79 -7.09 12.12
C GLN A 127 -12.51 -8.18 12.91
N LEU A 128 -12.26 -9.43 12.54
CA LEU A 128 -12.86 -10.61 13.16
C LEU A 128 -12.42 -10.83 14.60
N VAL A 129 -11.15 -10.56 14.86
CA VAL A 129 -10.53 -10.73 16.16
C VAL A 129 -10.69 -9.56 17.14
N ALA A 130 -10.66 -8.34 16.62
CA ALA A 130 -10.77 -7.14 17.44
C ALA A 130 -11.88 -7.11 18.48
N PRO A 131 -13.10 -7.56 18.13
CA PRO A 131 -14.20 -7.54 19.10
C PRO A 131 -13.95 -8.45 20.31
N GLU A 132 -13.27 -9.56 20.06
CA GLU A 132 -12.94 -10.52 21.12
C GLU A 132 -11.96 -9.85 22.07
N MET A 133 -10.89 -9.30 21.49
CA MET A 133 -9.87 -8.62 22.26
C MET A 133 -10.47 -7.45 23.02
N GLU A 134 -11.37 -6.73 22.38
CA GLU A 134 -12.00 -5.59 23.03
C GLU A 134 -12.78 -6.05 24.27
N LYS A 135 -13.47 -7.16 24.14
CA LYS A 135 -14.28 -7.72 25.20
C LYS A 135 -13.41 -8.06 26.41
N ASN A 136 -12.21 -8.56 26.13
CA ASN A 136 -11.26 -8.94 27.16
C ASN A 136 -10.46 -7.77 27.72
N GLY A 137 -10.60 -6.60 27.13
CA GLY A 137 -9.87 -5.45 27.62
C GLY A 137 -8.53 -5.18 26.97
N GLY A 138 -8.19 -5.92 25.91
CA GLY A 138 -6.92 -5.69 25.25
C GLY A 138 -6.44 -6.84 24.41
N GLY A 139 -5.38 -6.61 23.65
CA GLY A 139 -4.85 -7.68 22.83
C GLY A 139 -3.71 -7.13 22.03
N VAL A 140 -3.12 -7.98 21.20
CA VAL A 140 -2.02 -7.54 20.37
C VAL A 140 -2.15 -8.17 18.98
N ILE A 141 -1.88 -7.37 17.96
CA ILE A 141 -1.92 -7.85 16.58
C ILE A 141 -0.54 -7.54 16.02
N LEU A 142 0.07 -8.53 15.37
CA LEU A 142 1.38 -8.39 14.78
C LEU A 142 1.26 -8.95 13.37
N THR A 143 1.85 -8.27 12.40
CA THR A 143 1.80 -8.79 11.03
C THR A 143 3.22 -8.84 10.51
N ILE A 144 3.50 -9.82 9.66
CA ILE A 144 4.80 -9.95 9.06
C ILE A 144 4.73 -9.29 7.68
N THR A 145 5.35 -8.11 7.53
CA THR A 145 5.38 -7.43 6.24
C THR A 145 6.68 -7.81 5.53
N SER A 146 7.50 -6.84 5.15
CA SER A 146 8.74 -7.13 4.44
C SER A 146 9.53 -5.87 4.17
N MET A 147 10.84 -6.01 3.96
CA MET A 147 11.67 -4.87 3.62
C MET A 147 11.26 -4.37 2.22
N ALA A 148 10.55 -5.21 1.46
CA ALA A 148 10.08 -4.85 0.13
C ALA A 148 9.18 -3.59 0.22
N ALA A 149 8.52 -3.41 1.35
CA ALA A 149 7.66 -2.25 1.60
C ALA A 149 8.46 -0.95 1.59
N GLU A 150 9.78 -1.05 1.66
CA GLU A 150 10.63 0.13 1.63
C GLU A 150 11.64 0.11 0.48
N ASN A 151 12.01 -1.08 0.03
CA ASN A 151 12.94 -1.21 -1.08
C ASN A 151 12.26 -0.84 -2.40
N LYS A 152 13.08 -0.52 -3.41
CA LYS A 152 12.59 -0.17 -4.74
C LYS A 152 13.50 -0.93 -5.70
N ASN A 153 12.92 -1.72 -6.58
CA ASN A 153 13.68 -2.48 -7.56
C ASN A 153 12.75 -2.96 -8.66
N ILE A 154 13.32 -3.59 -9.67
CA ILE A 154 12.57 -4.09 -10.80
C ILE A 154 11.87 -5.41 -10.43
N ASN A 155 10.79 -5.73 -11.13
CA ASN A 155 10.01 -6.95 -10.92
C ASN A 155 9.41 -7.12 -9.54
N MET A 156 9.05 -6.03 -8.89
CA MET A 156 8.53 -6.07 -7.53
C MET A 156 7.25 -5.28 -7.33
N THR A 157 6.64 -4.77 -8.40
CA THR A 157 5.44 -3.95 -8.27
C THR A 157 4.34 -4.48 -7.34
N SER A 158 3.86 -5.69 -7.59
CA SER A 158 2.80 -6.30 -6.80
C SER A 158 3.20 -6.61 -5.33
N TYR A 159 4.31 -7.30 -5.16
CA TYR A 159 4.80 -7.67 -3.84
C TYR A 159 5.14 -6.46 -2.98
N ALA A 160 5.99 -5.58 -3.49
CA ALA A 160 6.40 -4.40 -2.74
C ALA A 160 5.26 -3.43 -2.40
N SER A 161 4.36 -3.18 -3.35
CA SER A 161 3.28 -2.23 -3.07
C SER A 161 2.25 -2.79 -2.09
N SER A 162 1.97 -4.09 -2.14
CA SER A 162 1.01 -4.72 -1.23
C SER A 162 1.61 -4.75 0.20
N LYS A 163 2.90 -5.01 0.34
CA LYS A 163 3.54 -5.01 1.66
C LYS A 163 3.59 -3.57 2.21
N ALA A 164 3.74 -2.58 1.31
CA ALA A 164 3.75 -1.19 1.73
C ALA A 164 2.37 -0.83 2.27
N ALA A 165 1.32 -1.38 1.68
CA ALA A 165 -0.02 -1.11 2.14
C ALA A 165 -0.19 -1.74 3.54
N ALA A 166 0.30 -2.96 3.71
CA ALA A 166 0.20 -3.66 5.01
C ALA A 166 0.93 -2.88 6.11
N SER A 167 2.11 -2.34 5.79
CA SER A 167 2.85 -1.54 6.77
C SER A 167 2.11 -0.26 7.13
N HIS A 168 1.52 0.43 6.14
CA HIS A 168 0.82 1.65 6.48
C HIS A 168 -0.50 1.43 7.19
N LEU A 169 -1.12 0.28 6.93
CA LEU A 169 -2.36 -0.13 7.58
C LEU A 169 -2.05 -0.26 9.09
N VAL A 170 -0.86 -0.81 9.40
CA VAL A 170 -0.40 -0.97 10.78
C VAL A 170 -0.37 0.38 11.49
N ARG A 171 0.25 1.38 10.87
CA ARG A 171 0.33 2.71 11.50
C ARG A 171 -1.03 3.36 11.77
N ASN A 172 -1.99 3.09 10.90
CA ASN A 172 -3.31 3.67 11.04
C ASN A 172 -4.26 2.86 11.91
N MET A 173 -4.19 1.53 11.80
CA MET A 173 -5.01 0.64 12.61
C MET A 173 -4.72 0.86 14.12
N ALA A 174 -3.46 1.20 14.43
CA ALA A 174 -3.02 1.46 15.80
C ALA A 174 -3.91 2.53 16.43
N PHE A 175 -4.34 3.49 15.61
CA PHE A 175 -5.21 4.54 16.08
C PHE A 175 -6.60 4.04 16.36
N ASP A 176 -7.16 3.29 15.41
CA ASP A 176 -8.51 2.77 15.55
C ASP A 176 -8.65 1.77 16.70
N LEU A 177 -7.67 0.87 16.79
CA LEU A 177 -7.67 -0.18 17.81
C LEU A 177 -7.10 0.26 19.18
N GLY A 178 -6.38 1.37 19.19
CA GLY A 178 -5.82 1.89 20.43
C GLY A 178 -6.92 2.18 21.42
N GLU A 179 -8.07 2.61 20.91
CA GLU A 179 -9.22 2.90 21.74
C GLU A 179 -9.74 1.64 22.42
N LYS A 180 -9.53 0.47 21.80
CA LYS A 180 -9.98 -0.80 22.38
C LYS A 180 -8.84 -1.38 23.22
N ASN A 181 -7.77 -0.60 23.37
CA ASN A 181 -6.59 -1.01 24.13
C ASN A 181 -5.85 -2.16 23.41
N ILE A 182 -5.80 -2.09 22.07
CA ILE A 182 -5.11 -3.10 21.26
C ILE A 182 -3.90 -2.46 20.58
N ARG A 183 -2.75 -3.13 20.65
CA ARG A 183 -1.53 -2.64 20.04
C ARG A 183 -1.38 -3.33 18.70
N VAL A 184 -0.81 -2.63 17.71
CA VAL A 184 -0.64 -3.19 16.38
C VAL A 184 0.76 -2.84 15.91
N ASN A 185 1.52 -3.85 15.52
CA ASN A 185 2.88 -3.63 15.04
C ASN A 185 3.17 -4.60 13.91
N GLY A 186 4.31 -4.41 13.26
CA GLY A 186 4.71 -5.31 12.21
C GLY A 186 6.20 -5.51 12.29
N ILE A 187 6.66 -6.57 11.64
CA ILE A 187 8.07 -6.87 11.54
C ILE A 187 8.34 -7.00 10.04
N ALA A 188 9.38 -6.32 9.57
CA ALA A 188 9.78 -6.36 8.18
C ALA A 188 11.12 -7.10 8.08
N PRO A 189 11.06 -8.40 7.78
CA PRO A 189 12.28 -9.21 7.67
C PRO A 189 13.03 -8.94 6.37
N GLY A 190 14.34 -9.14 6.42
CA GLY A 190 15.19 -9.02 5.26
C GLY A 190 15.23 -10.46 4.75
N ALA A 191 16.35 -10.87 4.17
CA ALA A 191 16.45 -12.24 3.64
C ALA A 191 16.46 -13.27 4.76
N ILE A 192 15.41 -14.07 4.85
CA ILE A 192 15.32 -15.10 5.88
C ILE A 192 15.35 -16.47 5.22
N LEU A 193 16.23 -17.33 5.70
CA LEU A 193 16.37 -18.69 5.17
C LEU A 193 15.16 -19.61 5.39
N THR A 194 14.25 -19.61 4.42
CA THR A 194 13.06 -20.46 4.45
C THR A 194 12.97 -21.08 3.06
N ASP A 195 12.00 -21.98 2.86
CA ASP A 195 11.86 -22.59 1.55
C ASP A 195 11.51 -21.51 0.53
N ALA A 196 10.78 -20.49 0.99
CA ALA A 196 10.38 -19.36 0.15
C ALA A 196 11.60 -18.61 -0.39
N LEU A 197 12.54 -18.26 0.47
CA LEU A 197 13.74 -17.56 0.01
C LEU A 197 14.51 -18.48 -0.91
N LYS A 198 14.58 -19.76 -0.52
CA LYS A 198 15.29 -20.76 -1.30
C LYS A 198 14.75 -20.99 -2.71
N SER A 199 13.49 -20.61 -2.95
CA SER A 199 12.88 -20.79 -4.26
C SER A 199 13.27 -19.69 -5.27
N VAL A 200 13.84 -18.60 -4.79
CA VAL A 200 14.22 -17.51 -5.67
C VAL A 200 15.69 -17.07 -5.53
N ILE A 201 16.37 -17.60 -4.52
CA ILE A 201 17.76 -17.26 -4.27
C ILE A 201 18.72 -18.15 -5.06
N THR A 202 19.83 -17.59 -5.49
CA THR A 202 20.85 -18.32 -6.22
C THR A 202 22.18 -17.96 -5.56
N PRO A 203 23.17 -18.87 -5.57
CA PRO A 203 24.47 -18.57 -4.92
C PRO A 203 25.08 -17.23 -5.29
N GLU A 204 24.80 -16.74 -6.50
CA GLU A 204 25.31 -15.45 -6.94
C GLU A 204 24.57 -14.35 -6.19
N ILE A 205 23.26 -14.53 -6.03
CA ILE A 205 22.41 -13.57 -5.33
C ILE A 205 22.78 -13.54 -3.83
N GLU A 206 22.99 -14.72 -3.25
CA GLU A 206 23.34 -14.81 -1.84
C GLU A 206 24.58 -14.03 -1.52
N GLN A 207 25.61 -14.18 -2.35
CA GLN A 207 26.85 -13.47 -2.16
C GLN A 207 26.68 -11.97 -2.19
N LYS A 208 25.82 -11.48 -3.07
CA LYS A 208 25.55 -10.05 -3.19
C LYS A 208 24.85 -9.60 -1.93
N MET A 209 23.85 -10.38 -1.52
CA MET A 209 23.09 -10.07 -0.33
C MET A 209 24.04 -9.90 0.85
N LEU A 210 24.91 -10.89 1.04
CA LEU A 210 25.88 -10.86 2.13
C LEU A 210 26.83 -9.67 2.04
N GLN A 211 27.27 -9.31 0.84
CA GLN A 211 28.18 -8.18 0.74
C GLN A 211 27.51 -6.85 1.08
N HIS A 212 26.19 -6.86 1.21
CA HIS A 212 25.46 -5.63 1.56
C HIS A 212 24.84 -5.70 2.95
N THR A 213 25.25 -6.71 3.72
CA THR A 213 24.76 -6.90 5.09
C THR A 213 25.92 -6.79 6.09
N PRO A 214 25.95 -5.69 6.89
CA PRO A 214 26.98 -5.43 7.90
C PRO A 214 27.20 -6.63 8.84
N ILE A 215 26.13 -7.15 9.44
CA ILE A 215 26.22 -8.34 10.30
C ILE A 215 26.09 -9.46 9.28
N ARG A 216 27.23 -9.79 8.69
CA ARG A 216 27.34 -10.74 7.61
C ARG A 216 26.83 -12.16 7.73
N ARG A 217 25.53 -12.30 7.51
CA ARG A 217 24.87 -13.59 7.50
C ARG A 217 23.43 -13.35 7.09
N LEU A 218 22.76 -14.41 6.69
CA LEU A 218 21.36 -14.33 6.31
C LEU A 218 20.56 -14.58 7.58
N GLY A 219 19.34 -14.05 7.61
CA GLY A 219 18.48 -14.20 8.76
C GLY A 219 17.98 -15.62 8.89
N GLN A 220 17.44 -15.92 10.06
CA GLN A 220 16.91 -17.23 10.39
C GLN A 220 15.53 -17.02 10.97
N PRO A 221 14.64 -18.01 10.82
CA PRO A 221 13.29 -17.85 11.37
C PRO A 221 13.31 -17.43 12.85
N GLN A 222 14.32 -17.91 13.59
CA GLN A 222 14.43 -17.58 15.01
C GLN A 222 14.65 -16.07 15.26
N ASP A 223 15.35 -15.40 14.36
CA ASP A 223 15.58 -13.96 14.49
C ASP A 223 14.24 -13.22 14.49
N ILE A 224 13.33 -13.70 13.65
CA ILE A 224 12.01 -13.09 13.57
C ILE A 224 11.16 -13.49 14.76
N ALA A 225 11.25 -14.76 15.19
CA ALA A 225 10.45 -15.22 16.33
C ALA A 225 10.84 -14.45 17.60
N ASN A 226 12.12 -14.13 17.75
CA ASN A 226 12.58 -13.38 18.93
C ASN A 226 11.95 -12.00 18.97
N ALA A 227 11.97 -11.31 17.82
CA ALA A 227 11.39 -9.99 17.72
C ALA A 227 9.87 -10.04 17.94
N ALA A 228 9.23 -11.05 17.39
CA ALA A 228 7.79 -11.22 17.54
C ALA A 228 7.44 -11.41 19.01
N LEU A 229 8.24 -12.22 19.72
CA LEU A 229 8.02 -12.48 21.16
C LEU A 229 8.03 -11.17 21.92
N PHE A 230 9.08 -10.38 21.71
CA PHE A 230 9.20 -9.10 22.35
C PHE A 230 8.01 -8.16 22.07
N LEU A 231 7.69 -7.97 20.79
CA LEU A 231 6.60 -7.08 20.40
C LEU A 231 5.25 -7.49 20.95
N CYS A 232 5.04 -8.79 21.12
CA CYS A 232 3.78 -9.28 21.66
C CYS A 232 3.76 -9.47 23.18
N SER A 233 4.88 -9.19 23.84
CA SER A 233 5.00 -9.38 25.29
C SER A 233 4.68 -8.15 26.09
N PRO A 234 4.44 -8.33 27.41
CA PRO A 234 4.13 -7.18 28.27
C PRO A 234 5.30 -6.19 28.29
N ALA A 235 6.51 -6.63 27.97
CA ALA A 235 7.66 -5.74 27.96
C ALA A 235 7.51 -4.62 26.90
N ALA A 236 6.63 -4.84 25.93
CA ALA A 236 6.38 -3.86 24.84
C ALA A 236 4.99 -3.21 24.97
N SER A 237 4.48 -3.06 26.18
CA SER A 237 3.17 -2.48 26.39
C SER A 237 2.91 -1.05 25.87
N TRP A 238 3.94 -0.29 25.54
CA TRP A 238 3.72 1.05 25.04
C TRP A 238 4.30 1.20 23.63
N VAL A 239 4.44 0.07 22.95
CA VAL A 239 4.97 0.07 21.59
C VAL A 239 3.81 -0.27 20.66
N SER A 240 3.43 0.67 19.79
CA SER A 240 2.32 0.42 18.87
C SER A 240 2.54 1.24 17.60
N GLY A 241 1.93 0.78 16.51
CA GLY A 241 2.05 1.44 15.22
C GLY A 241 3.45 1.40 14.62
N GLN A 242 4.27 0.44 15.05
CA GLN A 242 5.66 0.34 14.57
C GLN A 242 5.96 -0.83 13.68
N ILE A 243 6.98 -0.67 12.85
CA ILE A 243 7.44 -1.72 11.97
C ILE A 243 8.91 -1.90 12.36
N LEU A 244 9.26 -3.09 12.83
CA LEU A 244 10.64 -3.35 13.18
C LEU A 244 11.30 -4.14 12.06
N THR A 245 12.41 -3.62 11.53
CA THR A 245 13.13 -4.29 10.45
C THR A 245 14.26 -5.14 11.03
N VAL A 246 14.27 -6.41 10.66
CA VAL A 246 15.28 -7.39 11.10
C VAL A 246 16.01 -7.70 9.80
N SER A 247 17.20 -7.10 9.67
CA SER A 247 17.94 -7.17 8.42
C SER A 247 19.46 -7.29 8.50
N GLY A 248 20.02 -7.38 9.70
CA GLY A 248 21.46 -7.44 9.81
C GLY A 248 22.06 -6.08 9.51
N GLY A 249 21.21 -5.05 9.46
CA GLY A 249 21.66 -3.70 9.19
C GLY A 249 21.85 -3.39 7.71
N GLY A 250 21.50 -4.34 6.85
CA GLY A 250 21.69 -4.12 5.44
C GLY A 250 20.45 -4.30 4.61
N VAL A 251 20.66 -4.63 3.35
CA VAL A 251 19.59 -4.82 2.38
C VAL A 251 19.90 -6.03 1.49
N GLN A 252 18.95 -6.94 1.39
CA GLN A 252 19.12 -8.12 0.57
C GLN A 252 18.05 -8.08 -0.54
N GLU A 253 18.51 -7.95 -1.76
CA GLU A 253 17.60 -7.87 -2.91
C GLU A 253 18.02 -8.86 -3.95
N LEU A 254 17.10 -9.12 -4.89
CA LEU A 254 17.31 -10.05 -5.98
C LEU A 254 18.08 -9.41 -7.14
N ASN A 255 18.13 -8.08 -7.13
CA ASN A 255 18.81 -7.30 -8.17
C ASN A 255 19.71 -6.28 -7.48
N MET B 1 21.43 26.88 -18.52
CA MET B 1 20.86 28.24 -18.66
C MET B 1 19.36 28.09 -18.78
N PHE B 2 18.61 29.14 -18.47
CA PHE B 2 17.15 29.08 -18.54
C PHE B 2 16.68 28.80 -19.97
N ASN B 3 15.73 27.88 -20.11
CA ASN B 3 15.16 27.54 -21.42
C ASN B 3 13.65 27.33 -21.27
N SER B 4 12.89 28.39 -21.52
CA SER B 4 11.43 28.36 -21.40
C SER B 4 10.77 27.20 -22.12
N ASP B 5 11.37 26.70 -23.18
CA ASP B 5 10.77 25.61 -23.92
C ASP B 5 10.73 24.32 -23.13
N ASN B 6 11.71 24.09 -22.26
CA ASN B 6 11.72 22.87 -21.47
C ASN B 6 10.62 22.82 -20.44
N LEU B 7 9.98 23.95 -20.20
CA LEU B 7 8.91 24.04 -19.25
C LEU B 7 7.55 23.89 -19.90
N ARG B 8 7.56 23.72 -21.23
CA ARG B 8 6.32 23.59 -22.01
C ARG B 8 6.07 22.14 -22.48
N LEU B 9 4.82 21.87 -22.85
CA LEU B 9 4.42 20.53 -23.30
C LEU B 9 4.04 20.49 -24.79
N ASP B 10 4.72 21.28 -25.60
CA ASP B 10 4.42 21.37 -27.03
C ASP B 10 4.44 20.07 -27.80
N GLY B 11 3.28 19.72 -28.34
CA GLY B 11 3.17 18.51 -29.13
C GLY B 11 3.07 17.21 -28.37
N LYS B 12 2.82 17.28 -27.07
CA LYS B 12 2.69 16.07 -26.27
C LYS B 12 1.22 15.76 -26.21
N CYS B 13 0.89 14.48 -26.08
CA CYS B 13 -0.49 14.05 -25.99
C CYS B 13 -0.63 13.42 -24.61
N ALA B 14 -1.61 13.92 -23.86
CA ALA B 14 -1.85 13.46 -22.49
C ALA B 14 -3.24 12.94 -22.21
N ILE B 15 -3.33 11.94 -21.34
CA ILE B 15 -4.62 11.39 -20.91
C ILE B 15 -4.74 11.86 -19.45
N ILE B 16 -5.90 12.35 -19.05
CA ILE B 16 -6.13 12.79 -17.66
C ILE B 16 -7.45 12.23 -17.15
N THR B 17 -7.38 11.44 -16.08
CA THR B 17 -8.55 10.82 -15.48
C THR B 17 -9.19 11.72 -14.41
N GLY B 18 -10.49 11.60 -14.20
CA GLY B 18 -11.18 12.45 -13.24
C GLY B 18 -10.94 13.93 -13.49
N ALA B 19 -10.90 14.34 -14.77
CA ALA B 19 -10.61 15.73 -15.12
C ALA B 19 -11.81 16.65 -15.32
N GLY B 20 -12.99 16.22 -14.91
CA GLY B 20 -14.19 17.02 -15.04
C GLY B 20 -14.32 18.10 -13.99
N ALA B 21 -13.54 17.98 -12.92
CA ALA B 21 -13.58 18.95 -11.84
C ALA B 21 -12.31 18.89 -10.99
N GLY B 22 -12.25 19.81 -10.03
CA GLY B 22 -11.16 19.88 -9.08
C GLY B 22 -9.76 19.94 -9.60
N ILE B 23 -8.92 19.07 -9.04
CA ILE B 23 -7.51 18.99 -9.41
C ILE B 23 -7.29 18.56 -10.87
N GLY B 24 -7.98 17.51 -11.30
CA GLY B 24 -7.85 17.00 -12.66
C GLY B 24 -8.20 18.03 -13.73
N LYS B 25 -9.30 18.75 -13.51
CA LYS B 25 -9.73 19.79 -14.43
C LYS B 25 -8.64 20.81 -14.62
N GLU B 26 -8.05 21.26 -13.51
CA GLU B 26 -7.02 22.27 -13.56
C GLU B 26 -5.74 21.77 -14.19
N ILE B 27 -5.47 20.48 -14.02
CA ILE B 27 -4.29 19.91 -14.63
C ILE B 27 -4.52 19.91 -16.15
N ALA B 28 -5.72 19.51 -16.56
CA ALA B 28 -6.08 19.47 -17.99
C ALA B 28 -5.93 20.85 -18.64
N ILE B 29 -6.52 21.87 -18.03
CA ILE B 29 -6.43 23.22 -18.59
C ILE B 29 -5.00 23.75 -18.64
N THR B 30 -4.21 23.48 -17.60
CA THR B 30 -2.84 23.97 -17.56
C THR B 30 -2.00 23.26 -18.59
N PHE B 31 -2.21 21.95 -18.75
CA PHE B 31 -1.45 21.16 -19.71
C PHE B 31 -1.79 21.60 -21.14
N ALA B 32 -3.08 21.77 -21.40
CA ALA B 32 -3.58 22.18 -22.71
C ALA B 32 -3.02 23.56 -23.05
N THR B 33 -3.04 24.47 -22.08
CA THR B 33 -2.52 25.81 -22.32
C THR B 33 -0.99 25.86 -22.32
N ALA B 34 -0.33 24.76 -21.93
CA ALA B 34 1.13 24.70 -21.97
C ALA B 34 1.56 24.04 -23.28
N GLY B 35 0.59 23.73 -24.14
CA GLY B 35 0.90 23.15 -25.44
C GLY B 35 0.54 21.70 -25.73
N ALA B 36 -0.04 21.00 -24.77
CA ALA B 36 -0.39 19.60 -24.97
C ALA B 36 -1.82 19.40 -25.45
N SER B 37 -2.03 18.31 -26.19
CA SER B 37 -3.37 17.90 -26.68
C SER B 37 -3.81 16.93 -25.57
N VAL B 38 -5.04 17.07 -25.10
CA VAL B 38 -5.50 16.30 -23.97
C VAL B 38 -6.81 15.56 -24.10
N VAL B 39 -6.86 14.36 -23.54
CA VAL B 39 -8.08 13.56 -23.49
C VAL B 39 -8.57 13.73 -22.03
N VAL B 40 -9.71 14.39 -21.91
CA VAL B 40 -10.34 14.68 -20.63
C VAL B 40 -11.32 13.56 -20.33
N SER B 41 -10.95 12.73 -19.36
CA SER B 41 -11.78 11.61 -18.98
C SER B 41 -12.43 11.82 -17.62
N ASP B 42 -13.66 11.35 -17.46
CA ASP B 42 -14.37 11.48 -16.21
C ASP B 42 -15.55 10.54 -16.24
N ILE B 43 -16.11 10.26 -15.07
CA ILE B 43 -17.26 9.38 -15.03
C ILE B 43 -18.48 10.25 -15.33
N ASN B 44 -18.29 11.57 -15.24
CA ASN B 44 -19.35 12.53 -15.54
C ASN B 44 -19.05 13.12 -16.93
N ALA B 45 -19.71 12.56 -17.95
CA ALA B 45 -19.54 12.99 -19.33
C ALA B 45 -19.84 14.47 -19.52
N ASP B 46 -20.83 14.99 -18.81
CA ASP B 46 -21.18 16.40 -18.92
C ASP B 46 -20.04 17.28 -18.45
N ALA B 47 -19.48 16.93 -17.29
CA ALA B 47 -18.38 17.70 -16.73
C ALA B 47 -17.16 17.64 -17.65
N ALA B 48 -16.91 16.45 -18.17
CA ALA B 48 -15.76 16.24 -19.05
C ALA B 48 -15.93 17.09 -20.30
N ASN B 49 -17.15 17.14 -20.81
CA ASN B 49 -17.39 17.93 -22.01
C ASN B 49 -17.30 19.42 -21.76
N HIS B 50 -17.70 19.86 -20.57
CA HIS B 50 -17.58 21.28 -20.29
C HIS B 50 -16.11 21.70 -20.25
N VAL B 51 -15.26 20.84 -19.68
CA VAL B 51 -13.84 21.15 -19.62
C VAL B 51 -13.26 21.26 -21.02
N VAL B 52 -13.68 20.35 -21.90
CA VAL B 52 -13.21 20.37 -23.31
C VAL B 52 -13.52 21.73 -23.95
N ASP B 53 -14.75 22.22 -23.74
CA ASP B 53 -15.15 23.52 -24.28
C ASP B 53 -14.25 24.64 -23.80
N GLU B 54 -14.01 24.68 -22.49
CA GLU B 54 -13.14 25.71 -21.93
C GLU B 54 -11.77 25.65 -22.57
N ILE B 55 -11.23 24.45 -22.74
CA ILE B 55 -9.91 24.32 -23.33
C ILE B 55 -9.94 24.86 -24.76
N GLN B 56 -11.00 24.56 -25.49
CA GLN B 56 -11.14 25.04 -26.86
C GLN B 56 -11.26 26.55 -26.87
N GLN B 57 -11.98 27.09 -25.90
CA GLN B 57 -12.14 28.54 -25.78
C GLN B 57 -10.77 29.18 -25.60
N LEU B 58 -9.89 28.49 -24.87
CA LEU B 58 -8.54 28.99 -24.62
C LEU B 58 -7.63 28.67 -25.79
N GLY B 59 -8.19 28.03 -26.81
CA GLY B 59 -7.42 27.70 -27.98
C GLY B 59 -6.61 26.42 -27.90
N GLY B 60 -7.05 25.46 -27.09
CA GLY B 60 -6.34 24.22 -26.98
C GLY B 60 -7.05 23.07 -27.67
N GLN B 61 -6.37 21.93 -27.76
CA GLN B 61 -6.90 20.72 -28.39
C GLN B 61 -7.31 19.76 -27.29
N ALA B 62 -8.54 19.29 -27.29
CA ALA B 62 -8.99 18.38 -26.25
C ALA B 62 -10.18 17.54 -26.71
N PHE B 63 -10.30 16.34 -26.15
CA PHE B 63 -11.38 15.40 -26.47
C PHE B 63 -11.90 14.82 -25.17
N ALA B 64 -13.20 14.59 -25.08
CA ALA B 64 -13.80 14.04 -23.87
C ALA B 64 -14.17 12.58 -24.01
N CYS B 65 -14.13 11.88 -22.88
CA CYS B 65 -14.43 10.46 -22.85
C CYS B 65 -14.96 10.10 -21.47
N ARG B 66 -16.11 9.47 -21.40
CA ARG B 66 -16.64 9.06 -20.11
C ARG B 66 -15.92 7.75 -19.80
N CYS B 67 -15.23 7.70 -18.67
CA CYS B 67 -14.52 6.49 -18.29
C CYS B 67 -14.55 6.33 -16.80
N ASP B 68 -15.11 5.21 -16.35
CA ASP B 68 -15.15 4.86 -14.95
C ASP B 68 -13.82 4.10 -14.77
N ILE B 69 -12.89 4.68 -14.02
CA ILE B 69 -11.59 4.03 -13.83
C ILE B 69 -11.65 2.69 -13.09
N THR B 70 -12.78 2.41 -12.42
CA THR B 70 -12.94 1.16 -11.69
C THR B 70 -13.42 0.02 -12.57
N SER B 71 -13.29 0.17 -13.88
CA SER B 71 -13.70 -0.85 -14.83
C SER B 71 -12.54 -1.10 -15.77
N GLU B 72 -12.05 -2.33 -15.80
CA GLU B 72 -10.93 -2.63 -16.69
C GLU B 72 -11.33 -2.46 -18.15
N GLN B 73 -12.60 -2.71 -18.47
CA GLN B 73 -13.11 -2.56 -19.83
C GLN B 73 -13.09 -1.09 -20.20
N GLU B 74 -13.61 -0.23 -19.34
CA GLU B 74 -13.61 1.21 -19.60
C GLU B 74 -12.22 1.80 -19.66
N LEU B 75 -11.28 1.21 -18.93
CA LEU B 75 -9.91 1.68 -18.98
C LEU B 75 -9.29 1.37 -20.35
N SER B 76 -9.59 0.18 -20.86
CA SER B 76 -9.08 -0.26 -22.16
C SER B 76 -9.66 0.63 -23.28
N ALA B 77 -10.94 0.93 -23.17
CA ALA B 77 -11.64 1.78 -24.13
C ALA B 77 -11.01 3.18 -24.13
N LEU B 78 -10.71 3.69 -22.93
CA LEU B 78 -10.11 5.00 -22.75
C LEU B 78 -8.78 5.01 -23.46
N ALA B 79 -8.00 3.94 -23.33
CA ALA B 79 -6.71 3.93 -24.00
C ALA B 79 -6.87 3.88 -25.53
N ASP B 80 -7.83 3.08 -26.01
CA ASP B 80 -8.10 2.98 -27.44
C ASP B 80 -8.59 4.33 -27.97
N PHE B 81 -9.46 5.00 -27.21
CA PHE B 81 -10.00 6.30 -27.60
C PHE B 81 -8.92 7.36 -27.74
N ALA B 82 -8.01 7.44 -26.79
CA ALA B 82 -6.95 8.43 -26.84
C ALA B 82 -5.99 8.24 -28.03
N ILE B 83 -5.72 6.99 -28.35
CA ILE B 83 -4.82 6.70 -29.45
C ILE B 83 -5.47 7.03 -30.81
N SER B 84 -6.76 6.78 -30.93
CA SER B 84 -7.43 7.10 -32.18
C SER B 84 -7.60 8.61 -32.32
N LYS B 85 -7.80 9.33 -31.21
CA LYS B 85 -7.95 10.77 -31.28
C LYS B 85 -6.65 11.53 -31.30
N LEU B 86 -5.67 11.08 -30.55
CA LEU B 86 -4.39 11.81 -30.49
C LEU B 86 -3.30 11.21 -31.34
N GLY B 87 -3.47 9.95 -31.72
CA GLY B 87 -2.45 9.29 -32.52
C GLY B 87 -1.32 8.64 -31.71
N LYS B 88 -1.08 9.14 -30.49
CA LYS B 88 -0.03 8.62 -29.60
C LYS B 88 -0.29 9.13 -28.18
N VAL B 89 0.45 8.58 -27.21
CA VAL B 89 0.32 9.02 -25.81
C VAL B 89 1.72 9.26 -25.25
N ASP B 90 1.94 10.45 -24.72
CA ASP B 90 3.23 10.80 -24.15
C ASP B 90 3.15 10.92 -22.63
N ILE B 91 1.97 11.25 -22.14
CA ILE B 91 1.76 11.51 -20.72
C ILE B 91 0.46 10.92 -20.20
N LEU B 92 0.52 10.32 -19.01
CA LEU B 92 -0.66 9.80 -18.35
C LEU B 92 -0.69 10.47 -16.98
N VAL B 93 -1.79 11.17 -16.66
CA VAL B 93 -1.97 11.78 -15.36
C VAL B 93 -3.13 11.03 -14.72
N ASN B 94 -2.77 10.11 -13.83
CA ASN B 94 -3.73 9.28 -13.11
C ASN B 94 -4.14 10.10 -11.88
N ASN B 95 -5.24 10.82 -12.06
CA ASN B 95 -5.73 11.68 -11.02
C ASN B 95 -6.95 11.16 -10.30
N ALA B 96 -7.84 10.47 -11.01
CA ALA B 96 -9.05 9.98 -10.36
C ALA B 96 -8.71 9.00 -9.23
N GLY B 97 -9.53 9.02 -8.19
CA GLY B 97 -9.35 8.16 -7.03
C GLY B 97 -10.19 8.70 -5.88
N GLY B 98 -9.94 8.24 -4.66
CA GLY B 98 -10.69 8.74 -3.53
C GLY B 98 -10.97 7.64 -2.53
N GLY B 99 -12.11 7.73 -1.85
CA GLY B 99 -12.47 6.73 -0.87
C GLY B 99 -12.85 7.41 0.43
N GLY B 100 -11.95 8.25 0.94
CA GLY B 100 -12.21 8.96 2.18
C GLY B 100 -12.23 8.17 3.49
N PRO B 101 -12.56 8.84 4.60
CA PRO B 101 -12.65 8.31 5.97
C PRO B 101 -13.67 7.19 6.09
N LYS B 102 -13.31 6.13 6.79
CA LYS B 102 -14.20 4.99 7.00
C LYS B 102 -13.90 4.39 8.38
N PRO B 103 -14.94 3.91 9.09
CA PRO B 103 -14.72 3.32 10.41
C PRO B 103 -14.02 1.96 10.26
N PHE B 104 -13.28 1.56 11.28
CA PHE B 104 -12.57 0.29 11.24
C PHE B 104 -13.47 -0.89 10.90
N ASP B 105 -14.71 -0.86 11.36
CA ASP B 105 -15.61 -1.98 11.09
C ASP B 105 -16.41 -1.88 9.77
N MET B 106 -15.92 -1.09 8.83
CA MET B 106 -16.56 -0.94 7.54
C MET B 106 -16.69 -2.30 6.84
N PRO B 107 -17.66 -2.44 5.90
CA PRO B 107 -17.85 -3.71 5.16
C PRO B 107 -16.60 -3.90 4.30
N MET B 108 -16.23 -5.15 4.01
CA MET B 108 -15.05 -5.35 3.19
C MET B 108 -15.18 -4.71 1.81
N ALA B 109 -16.42 -4.56 1.36
CA ALA B 109 -16.69 -3.94 0.06
C ALA B 109 -16.08 -2.53 0.01
N ASP B 110 -16.24 -1.77 1.10
CA ASP B 110 -15.71 -0.41 1.19
C ASP B 110 -14.19 -0.35 1.23
N PHE B 111 -13.58 -1.33 1.91
CA PHE B 111 -12.12 -1.37 2.03
C PHE B 111 -11.53 -1.65 0.65
N ARG B 112 -12.11 -2.62 -0.05
CA ARG B 112 -11.61 -2.99 -1.38
C ARG B 112 -11.82 -1.87 -2.42
N ARG B 113 -12.93 -1.16 -2.27
CA ARG B 113 -13.29 -0.03 -3.13
C ARG B 113 -12.14 0.97 -3.21
N ALA B 114 -11.53 1.29 -2.06
CA ALA B 114 -10.42 2.24 -2.04
C ALA B 114 -9.24 1.74 -2.87
N TYR B 115 -9.06 0.42 -2.91
CA TYR B 115 -7.99 -0.17 -3.68
C TYR B 115 -8.32 -0.14 -5.18
N GLU B 116 -9.60 -0.27 -5.51
CA GLU B 116 -10.06 -0.21 -6.90
C GLU B 116 -9.78 1.20 -7.41
N LEU B 117 -10.14 2.20 -6.61
CA LEU B 117 -9.96 3.59 -6.97
C LEU B 117 -8.54 4.10 -6.99
N ASN B 118 -7.69 3.67 -6.05
CA ASN B 118 -6.35 4.24 -6.00
C ASN B 118 -5.20 3.39 -6.44
N VAL B 119 -5.43 2.09 -6.53
CA VAL B 119 -4.35 1.20 -6.88
C VAL B 119 -4.50 0.37 -8.14
N PHE B 120 -5.54 -0.47 -8.19
CA PHE B 120 -5.72 -1.36 -9.32
C PHE B 120 -5.98 -0.64 -10.65
N SER B 121 -6.79 0.42 -10.60
CA SER B 121 -7.07 1.22 -11.79
C SER B 121 -5.78 1.86 -12.28
N PHE B 122 -5.04 2.48 -11.35
CA PHE B 122 -3.77 3.13 -11.63
C PHE B 122 -2.76 2.16 -12.26
N PHE B 123 -2.64 0.96 -11.70
CA PHE B 123 -1.69 0.01 -12.24
C PHE B 123 -2.08 -0.49 -13.65
N HIS B 124 -3.35 -0.88 -13.79
CA HIS B 124 -3.80 -1.40 -15.08
C HIS B 124 -3.72 -0.36 -16.22
N LEU B 125 -4.11 0.88 -15.94
CA LEU B 125 -4.04 1.92 -16.95
C LEU B 125 -2.59 2.12 -17.38
N SER B 126 -1.66 2.04 -16.44
CA SER B 126 -0.23 2.17 -16.77
C SER B 126 0.23 1.01 -17.66
N GLN B 127 -0.34 -0.19 -17.45
CA GLN B 127 0.03 -1.34 -18.25
C GLN B 127 -0.45 -1.12 -19.68
N LEU B 128 -1.65 -0.55 -19.82
CA LEU B 128 -2.30 -0.27 -21.11
C LEU B 128 -1.52 0.76 -21.91
N VAL B 129 -1.13 1.83 -21.23
CA VAL B 129 -0.41 2.95 -21.80
C VAL B 129 1.09 2.77 -22.05
N ALA B 130 1.76 1.97 -21.23
CA ALA B 130 3.21 1.77 -21.37
C ALA B 130 3.75 1.39 -22.78
N PRO B 131 3.10 0.44 -23.46
CA PRO B 131 3.57 0.05 -24.79
C PRO B 131 3.52 1.22 -25.81
N GLU B 132 2.50 2.05 -25.71
CA GLU B 132 2.39 3.22 -26.59
C GLU B 132 3.54 4.16 -26.35
N MET B 133 3.78 4.51 -25.09
CA MET B 133 4.88 5.40 -24.72
C MET B 133 6.20 4.78 -25.16
N GLU B 134 6.33 3.47 -25.00
CA GLU B 134 7.55 2.81 -25.39
C GLU B 134 7.82 3.00 -26.89
N LYS B 135 6.78 2.82 -27.72
CA LYS B 135 6.95 2.97 -29.16
C LYS B 135 7.35 4.39 -29.57
N ASN B 136 6.93 5.39 -28.78
CA ASN B 136 7.29 6.78 -29.07
C ASN B 136 8.63 7.17 -28.46
N GLY B 137 9.32 6.21 -27.85
CA GLY B 137 10.61 6.51 -27.25
C GLY B 137 10.58 7.01 -25.81
N GLY B 138 9.48 6.79 -25.11
CA GLY B 138 9.42 7.23 -23.72
C GLY B 138 8.13 7.98 -23.40
N GLY B 139 7.97 8.34 -22.14
CA GLY B 139 6.78 9.04 -21.72
C GLY B 139 6.90 9.39 -20.26
N VAL B 140 5.80 9.85 -19.69
CA VAL B 140 5.77 10.23 -18.28
C VAL B 140 4.44 9.81 -17.68
N ILE B 141 4.49 9.18 -16.51
CA ILE B 141 3.28 8.80 -15.80
C ILE B 141 3.33 9.58 -14.50
N LEU B 142 2.20 10.14 -14.12
CA LEU B 142 2.10 10.95 -12.92
C LEU B 142 0.84 10.55 -12.20
N THR B 143 0.94 10.26 -10.89
CA THR B 143 -0.26 9.89 -10.16
C THR B 143 -0.46 10.86 -9.02
N ILE B 144 -1.71 11.08 -8.69
CA ILE B 144 -2.05 11.96 -7.58
C ILE B 144 -2.37 11.07 -6.34
N THR B 145 -1.41 10.96 -5.41
CA THR B 145 -1.63 10.16 -4.18
C THR B 145 -2.28 11.05 -3.12
N SER B 146 -1.68 11.07 -1.93
CA SER B 146 -2.20 11.89 -0.85
C SER B 146 -1.22 11.91 0.31
N MET B 147 -1.33 12.93 1.15
CA MET B 147 -0.48 12.99 2.35
C MET B 147 -0.91 11.86 3.29
N ALA B 148 -2.11 11.32 3.07
CA ALA B 148 -2.61 10.21 3.89
C ALA B 148 -1.68 8.99 3.82
N ALA B 149 -0.89 8.92 2.74
CA ALA B 149 0.07 7.84 2.53
C ALA B 149 1.17 7.87 3.60
N GLU B 150 1.29 8.99 4.29
CA GLU B 150 2.28 9.12 5.34
C GLU B 150 1.68 9.48 6.68
N ASN B 151 0.51 10.13 6.66
CA ASN B 151 -0.18 10.51 7.89
C ASN B 151 -0.70 9.26 8.59
N LYS B 152 -0.95 9.37 9.89
CA LYS B 152 -1.49 8.28 10.70
C LYS B 152 -2.57 8.90 11.52
N ASN B 153 -3.74 8.29 11.50
CA ASN B 153 -4.85 8.81 12.27
C ASN B 153 -5.98 7.80 12.25
N ILE B 154 -7.04 8.10 13.00
CA ILE B 154 -8.18 7.22 13.09
C ILE B 154 -9.12 7.41 11.88
N ASN B 155 -9.91 6.38 11.58
CA ASN B 155 -10.88 6.39 10.48
C ASN B 155 -10.25 6.58 9.09
N MET B 156 -9.03 6.09 8.90
CA MET B 156 -8.31 6.24 7.65
C MET B 156 -7.67 4.97 7.15
N THR B 157 -8.05 3.81 7.68
CA THR B 157 -7.42 2.57 7.25
C THR B 157 -7.40 2.30 5.73
N SER B 158 -8.57 2.34 5.08
CA SER B 158 -8.69 2.08 3.64
C SER B 158 -8.05 3.15 2.76
N TYR B 159 -8.37 4.40 3.04
CA TYR B 159 -7.84 5.51 2.27
C TYR B 159 -6.32 5.63 2.38
N ALA B 160 -5.83 5.71 3.61
CA ALA B 160 -4.40 5.84 3.80
C ALA B 160 -3.58 4.65 3.29
N SER B 161 -4.02 3.42 3.54
CA SER B 161 -3.22 2.31 3.07
C SER B 161 -3.22 2.18 1.56
N SER B 162 -4.37 2.42 0.92
CA SER B 162 -4.45 2.35 -0.55
C SER B 162 -3.56 3.43 -1.19
N LYS B 163 -3.51 4.63 -0.62
CA LYS B 163 -2.66 5.68 -1.17
C LYS B 163 -1.19 5.33 -0.91
N ALA B 164 -0.89 4.64 0.20
CA ALA B 164 0.47 4.24 0.50
C ALA B 164 0.92 3.19 -0.51
N ALA B 165 -0.01 2.33 -0.94
CA ALA B 165 0.29 1.31 -1.93
C ALA B 165 0.66 1.99 -3.26
N ALA B 166 -0.17 2.97 -3.67
CA ALA B 166 0.06 3.72 -4.89
C ALA B 166 1.39 4.48 -4.87
N SER B 167 1.73 5.11 -3.75
CA SER B 167 3.01 5.81 -3.65
C SER B 167 4.20 4.85 -3.78
N HIS B 168 4.11 3.66 -3.17
CA HIS B 168 5.23 2.73 -3.29
C HIS B 168 5.25 2.10 -4.68
N LEU B 169 4.07 1.98 -5.30
CA LEU B 169 3.97 1.46 -6.66
C LEU B 169 4.82 2.37 -7.55
N VAL B 170 4.68 3.68 -7.37
CA VAL B 170 5.43 4.66 -8.13
C VAL B 170 6.95 4.42 -8.02
N ARG B 171 7.44 4.18 -6.79
CA ARG B 171 8.88 3.97 -6.59
C ARG B 171 9.40 2.72 -7.29
N ASN B 172 8.59 1.67 -7.29
CA ASN B 172 8.99 0.42 -7.95
C ASN B 172 8.80 0.42 -9.48
N MET B 173 7.67 0.96 -9.95
CA MET B 173 7.36 1.06 -11.40
C MET B 173 8.45 1.83 -12.13
N ALA B 174 9.03 2.82 -11.46
CA ALA B 174 10.10 3.62 -12.03
C ALA B 174 11.22 2.72 -12.51
N PHE B 175 11.41 1.59 -11.83
CA PHE B 175 12.45 0.65 -12.21
C PHE B 175 12.09 -0.16 -13.45
N ASP B 176 10.89 -0.74 -13.46
CA ASP B 176 10.47 -1.56 -14.60
C ASP B 176 10.40 -0.77 -15.88
N LEU B 177 9.90 0.46 -15.78
CA LEU B 177 9.72 1.32 -16.94
C LEU B 177 10.89 2.24 -17.28
N GLY B 178 11.91 2.32 -16.41
CA GLY B 178 13.04 3.18 -16.70
C GLY B 178 13.75 2.76 -17.98
N GLU B 179 13.74 1.45 -18.23
CA GLU B 179 14.36 0.88 -19.41
C GLU B 179 13.62 1.30 -20.69
N LYS B 180 12.33 1.62 -20.56
CA LYS B 180 11.54 2.07 -21.71
C LYS B 180 11.62 3.59 -21.80
N ASN B 181 12.42 4.20 -20.93
CA ASN B 181 12.59 5.64 -20.85
C ASN B 181 11.33 6.38 -20.44
N ILE B 182 10.57 5.73 -19.57
CA ILE B 182 9.33 6.32 -19.04
C ILE B 182 9.65 6.75 -17.60
N ARG B 183 9.29 7.97 -17.23
CA ARG B 183 9.51 8.45 -15.87
C ARG B 183 8.18 8.28 -15.14
N VAL B 184 8.23 7.95 -13.84
CA VAL B 184 7.00 7.74 -13.07
C VAL B 184 7.12 8.54 -11.78
N ASN B 185 6.16 9.41 -11.48
CA ASN B 185 6.22 10.20 -10.25
C ASN B 185 4.82 10.35 -9.68
N GLY B 186 4.74 10.98 -8.51
CA GLY B 186 3.45 11.19 -7.88
C GLY B 186 3.47 12.51 -7.14
N ILE B 187 2.29 13.02 -6.83
CA ILE B 187 2.17 14.24 -6.06
C ILE B 187 1.22 13.87 -4.94
N ALA B 188 1.61 14.26 -3.74
CA ALA B 188 0.84 14.02 -2.53
C ALA B 188 0.38 15.39 -2.01
N PRO B 189 -0.88 15.75 -2.30
CA PRO B 189 -1.38 17.05 -1.83
C PRO B 189 -1.91 16.97 -0.41
N GLY B 190 -1.83 18.11 0.27
CA GLY B 190 -2.40 18.25 1.59
C GLY B 190 -3.85 18.63 1.30
N ALA B 191 -4.47 19.50 2.11
CA ALA B 191 -5.85 19.90 1.86
C ALA B 191 -5.97 20.90 0.69
N ILE B 192 -6.64 20.50 -0.37
CA ILE B 192 -6.84 21.33 -1.55
C ILE B 192 -8.33 21.67 -1.66
N LEU B 193 -8.64 22.95 -1.83
CA LEU B 193 -10.01 23.41 -1.94
C LEU B 193 -10.79 22.88 -3.16
N THR B 194 -11.50 21.77 -3.00
CA THR B 194 -12.29 21.19 -4.07
C THR B 194 -13.55 20.70 -3.39
N ASP B 195 -14.52 20.25 -4.16
CA ASP B 195 -15.76 19.74 -3.59
C ASP B 195 -15.53 18.47 -2.77
N ALA B 196 -14.49 17.72 -3.10
CA ALA B 196 -14.16 16.50 -2.35
C ALA B 196 -13.85 16.91 -0.91
N LEU B 197 -13.03 17.94 -0.76
CA LEU B 197 -12.67 18.43 0.56
C LEU B 197 -13.88 19.08 1.21
N LYS B 198 -14.64 19.83 0.42
CA LYS B 198 -15.82 20.51 0.95
C LYS B 198 -16.85 19.57 1.56
N SER B 199 -16.88 18.32 1.09
CA SER B 199 -17.83 17.34 1.60
C SER B 199 -17.45 16.78 2.96
N VAL B 200 -16.22 17.04 3.39
CA VAL B 200 -15.74 16.47 4.65
C VAL B 200 -15.22 17.52 5.66
N ILE B 201 -15.06 18.76 5.21
CA ILE B 201 -14.53 19.82 6.05
C ILE B 201 -15.62 20.62 6.78
N THR B 202 -15.22 21.29 7.86
CA THR B 202 -16.11 22.15 8.65
C THR B 202 -15.25 23.34 9.05
N PRO B 203 -15.87 24.43 9.50
CA PRO B 203 -15.11 25.60 9.90
C PRO B 203 -14.09 25.31 10.98
N GLU B 204 -14.48 24.54 12.00
CA GLU B 204 -13.58 24.17 13.10
C GLU B 204 -12.39 23.38 12.55
N ILE B 205 -12.69 22.36 11.73
CA ILE B 205 -11.65 21.55 11.11
C ILE B 205 -10.77 22.46 10.26
N GLU B 206 -11.40 23.42 9.58
CA GLU B 206 -10.64 24.33 8.75
C GLU B 206 -9.63 25.15 9.55
N GLN B 207 -10.06 25.71 10.69
CA GLN B 207 -9.18 26.50 11.54
C GLN B 207 -8.01 25.68 12.03
N LYS B 208 -8.30 24.47 12.52
CA LYS B 208 -7.28 23.58 13.01
C LYS B 208 -6.25 23.31 11.90
N MET B 209 -6.75 23.05 10.69
CA MET B 209 -5.90 22.79 9.53
C MET B 209 -4.97 23.94 9.28
N LEU B 210 -5.52 25.14 9.31
CA LEU B 210 -4.71 26.33 9.10
C LEU B 210 -3.72 26.54 10.25
N GLN B 211 -4.11 26.11 11.45
CA GLN B 211 -3.25 26.23 12.62
C GLN B 211 -1.98 25.40 12.40
N HIS B 212 -2.09 24.29 11.67
CA HIS B 212 -0.91 23.46 11.46
C HIS B 212 -0.26 23.62 10.09
N THR B 213 -0.49 24.76 9.43
CA THR B 213 0.08 25.01 8.11
C THR B 213 0.92 26.28 8.14
N PRO B 214 2.26 26.15 8.03
CA PRO B 214 3.19 27.28 8.05
C PRO B 214 2.83 28.40 7.04
N ILE B 215 2.63 28.05 5.77
CA ILE B 215 2.22 29.03 4.75
C ILE B 215 0.69 28.96 4.89
N ARG B 216 0.19 29.81 5.78
CA ARG B 216 -1.19 29.81 6.18
C ARG B 216 -2.35 30.08 5.24
N ARG B 217 -2.72 29.03 4.51
CA ARG B 217 -3.85 29.03 3.60
C ARG B 217 -4.04 27.61 3.11
N LEU B 218 -5.25 27.29 2.67
CA LEU B 218 -5.52 25.97 2.14
C LEU B 218 -5.02 25.95 0.68
N GLY B 219 -4.82 24.76 0.14
CA GLY B 219 -4.33 24.66 -1.21
C GLY B 219 -5.38 24.90 -2.28
N GLN B 220 -4.90 25.21 -3.48
CA GLN B 220 -5.73 25.49 -4.65
C GLN B 220 -5.36 24.49 -5.74
N PRO B 221 -6.31 24.10 -6.60
CA PRO B 221 -5.96 23.15 -7.66
C PRO B 221 -4.79 23.61 -8.50
N GLN B 222 -4.59 24.93 -8.63
CA GLN B 222 -3.49 25.43 -9.43
C GLN B 222 -2.11 25.07 -8.84
N ASP B 223 -2.02 25.00 -7.51
CA ASP B 223 -0.77 24.62 -6.84
C ASP B 223 -0.37 23.22 -7.30
N ILE B 224 -1.36 22.34 -7.42
CA ILE B 224 -1.10 20.96 -7.84
C ILE B 224 -0.80 20.90 -9.33
N ALA B 225 -1.51 21.72 -10.11
CA ALA B 225 -1.32 21.77 -11.57
C ALA B 225 0.08 22.26 -11.90
N ASN B 226 0.55 23.25 -11.15
CA ASN B 226 1.89 23.78 -11.36
C ASN B 226 2.93 22.69 -11.13
N ALA B 227 2.74 21.89 -10.08
CA ALA B 227 3.67 20.83 -9.75
C ALA B 227 3.62 19.72 -10.78
N ALA B 228 2.41 19.43 -11.25
CA ALA B 228 2.21 18.41 -12.28
C ALA B 228 2.94 18.79 -13.57
N LEU B 229 2.85 20.07 -13.93
CA LEU B 229 3.49 20.56 -15.15
C LEU B 229 4.99 20.33 -15.08
N PHE B 230 5.61 20.81 -14.00
CA PHE B 230 7.04 20.64 -13.81
C PHE B 230 7.47 19.16 -13.91
N LEU B 231 6.82 18.31 -13.12
CA LEU B 231 7.16 16.89 -13.11
C LEU B 231 6.99 16.19 -14.44
N CYS B 232 6.04 16.67 -15.26
CA CYS B 232 5.81 16.06 -16.58
C CYS B 232 6.55 16.75 -17.73
N SER B 233 7.24 17.84 -17.42
CA SER B 233 7.98 18.61 -18.41
C SER B 233 9.43 18.14 -18.58
N PRO B 234 10.07 18.50 -19.70
CA PRO B 234 11.47 18.10 -19.96
C PRO B 234 12.40 18.70 -18.90
N ALA B 235 11.93 19.69 -18.15
CA ALA B 235 12.74 20.29 -17.10
C ALA B 235 13.02 19.29 -15.94
N ALA B 236 12.25 18.21 -15.87
CA ALA B 236 12.38 17.18 -14.86
C ALA B 236 12.79 15.85 -15.49
N SER B 237 13.63 15.89 -16.51
CA SER B 237 14.04 14.68 -17.21
C SER B 237 14.79 13.64 -16.37
N TRP B 238 15.33 14.05 -15.22
CA TRP B 238 16.05 13.10 -14.36
C TRP B 238 15.34 12.90 -13.02
N VAL B 239 14.04 13.18 -12.96
CA VAL B 239 13.23 13.00 -11.77
C VAL B 239 12.25 11.87 -12.02
N SER B 240 12.41 10.77 -11.29
CA SER B 240 11.56 9.60 -11.42
C SER B 240 11.52 8.86 -10.08
N GLY B 241 10.42 8.18 -9.81
CA GLY B 241 10.25 7.46 -8.56
C GLY B 241 9.97 8.36 -7.38
N GLN B 242 9.83 9.67 -7.61
CA GLN B 242 9.58 10.62 -6.52
C GLN B 242 8.14 10.94 -6.26
N ILE B 243 7.84 11.32 -5.02
CA ILE B 243 6.51 11.72 -4.63
C ILE B 243 6.71 13.12 -4.05
N LEU B 244 6.15 14.12 -4.71
CA LEU B 244 6.29 15.50 -4.25
C LEU B 244 5.08 15.86 -3.43
N THR B 245 5.32 16.40 -2.23
CA THR B 245 4.25 16.78 -1.32
C THR B 245 4.03 18.28 -1.42
N VAL B 246 2.77 18.67 -1.64
CA VAL B 246 2.41 20.10 -1.75
C VAL B 246 1.48 20.30 -0.58
N SER B 247 1.97 21.00 0.44
CA SER B 247 1.21 21.10 1.67
C SER B 247 1.37 22.37 2.46
N GLY B 248 2.05 23.35 1.90
CA GLY B 248 2.25 24.58 2.62
C GLY B 248 3.20 24.36 3.79
N GLY B 249 3.85 23.20 3.81
CA GLY B 249 4.80 22.85 4.86
C GLY B 249 4.17 22.27 6.11
N GLY B 250 2.87 22.04 6.08
CA GLY B 250 2.20 21.54 7.25
C GLY B 250 1.44 20.26 7.02
N VAL B 251 0.49 20.00 7.91
CA VAL B 251 -0.31 18.79 7.84
C VAL B 251 -1.72 19.23 8.12
N GLN B 252 -2.65 18.72 7.31
CA GLN B 252 -4.04 19.06 7.51
C GLN B 252 -4.77 17.72 7.64
N GLU B 253 -5.37 17.50 8.79
CA GLU B 253 -6.09 16.26 9.03
C GLU B 253 -7.45 16.58 9.56
N LEU B 254 -8.29 15.56 9.62
CA LEU B 254 -9.65 15.73 10.09
C LEU B 254 -9.68 15.70 11.61
N ASN B 255 -8.59 15.17 12.19
CA ASN B 255 -8.42 15.03 13.64
C ASN B 255 -7.07 15.57 14.09
#